data_3A7R
#
_entry.id   3A7R
#
_cell.length_a   102.298
_cell.length_b   102.298
_cell.length_c   221.252
_cell.angle_alpha   90.00
_cell.angle_beta   90.00
_cell.angle_gamma   120.00
#
_symmetry.space_group_name_H-M   'P 61 2 2'
#
loop_
_entity.id
_entity.type
_entity.pdbx_description
1 polymer 'Lipoate-protein ligase A'
2 non-polymer "5'-O-[(R)-({5-[(3R)-1,2-DITHIOLAN-3-YL]PENTANOYL}OXY)(HYDROXY)PHOSPHORYL]ADENOSINE"
3 non-polymer 'SULFATE ION'
4 non-polymer 'MAGNESIUM ION'
5 water water
#
_entity_poly.entity_id   1
_entity_poly.type   'polypeptide(L)'
_entity_poly.pdbx_seq_one_letter_code
;STLRLLISDSYDPWFNLAVEECIFRQMPATQRVLFLWRNADTVVIGRAQNPWKECNTRRMEEDNVRLARRSSGGGAVFHD
LGNTCFTFMAGKPEYDKTISTSIVLNALNALGVSAEASGRNDLVVKTVEGDRKVSGSAYRETKDRGFHHGTLLLNADLSR
LANYLNPDKKKLAAKGITSVRSRVTNLTELLPGITHEQVCEAITEAFFAHYGERVEAEIISPNKTPDLPNFAETFARQSS
WEWNFGQAPAFSHLLDERFTWGGVELHFDVEKGHITRAQVFTDSLNPAPLEALAGRLQGCLYRADMLQQECEALLVDFPE
QEKELRELSAWMAGAVR
;
_entity_poly.pdbx_strand_id   A
#
# COMPACT_ATOMS: atom_id res chain seq x y z
N SER A 1 -4.29 20.88 -27.12
CA SER A 1 -3.31 19.78 -26.83
C SER A 1 -4.00 18.56 -26.22
N THR A 2 -3.55 17.36 -26.55
CA THR A 2 -4.18 16.17 -26.00
C THR A 2 -3.46 15.64 -24.76
N LEU A 3 -2.29 16.19 -24.46
CA LEU A 3 -1.47 15.66 -23.37
C LEU A 3 -1.60 16.50 -22.11
N ARG A 4 -1.37 15.88 -20.96
CA ARG A 4 -1.10 16.64 -19.76
C ARG A 4 0.02 15.98 -18.98
N LEU A 5 0.98 16.79 -18.54
CA LEU A 5 2.16 16.32 -17.83
C LEU A 5 2.19 16.89 -16.42
N LEU A 6 2.10 16.02 -15.42
CA LEU A 6 1.97 16.50 -14.03
C LEU A 6 3.08 15.91 -13.18
N ILE A 7 3.77 16.74 -12.43
CA ILE A 7 4.90 16.29 -11.62
C ILE A 7 4.55 16.68 -10.19
N SER A 8 4.57 15.70 -9.29
CA SER A 8 4.30 15.99 -7.89
C SER A 8 5.58 16.34 -7.13
N ASP A 9 5.51 17.37 -6.29
CA ASP A 9 6.57 17.64 -5.32
C ASP A 9 6.27 17.10 -3.91
N SER A 10 5.12 16.44 -3.73
CA SER A 10 4.82 15.81 -2.44
C SER A 10 5.49 14.43 -2.36
N TYR A 11 5.90 14.02 -1.15
CA TYR A 11 6.39 12.66 -0.90
C TYR A 11 5.41 11.85 -0.04
N ASP A 12 4.17 12.32 0.00
CA ASP A 12 3.12 11.69 0.80
C ASP A 12 2.23 10.84 -0.13
N PRO A 13 2.21 9.51 0.07
CA PRO A 13 1.45 8.63 -0.81
C PRO A 13 -0.04 8.94 -0.75
N TRP A 14 -0.52 9.42 0.40
CA TRP A 14 -1.95 9.66 0.49
C TRP A 14 -2.31 10.87 -0.38
N PHE A 15 -1.46 11.91 -0.32
CA PHE A 15 -1.62 13.11 -1.14
C PHE A 15 -1.52 12.74 -2.63
N ASN A 16 -0.49 11.98 -2.97
CA ASN A 16 -0.24 11.66 -4.38
C ASN A 16 -1.29 10.74 -4.97
N LEU A 17 -1.77 9.77 -4.19
CA LEU A 17 -2.88 8.94 -4.65
C LEU A 17 -4.19 9.74 -4.77
N ALA A 18 -4.44 10.67 -3.84
CA ALA A 18 -5.64 11.51 -4.00
C ALA A 18 -5.56 12.40 -5.24
N VAL A 19 -4.39 12.96 -5.51
CA VAL A 19 -4.18 13.73 -6.76
C VAL A 19 -4.44 12.84 -7.99
N GLU A 20 -3.86 11.65 -7.99
CA GLU A 20 -4.05 10.72 -9.09
C GLU A 20 -5.53 10.41 -9.32
N GLU A 21 -6.25 10.13 -8.24
CA GLU A 21 -7.67 9.83 -8.34
C GLU A 21 -8.52 11.03 -8.83
N CYS A 22 -8.29 12.22 -8.29
CA CYS A 22 -9.05 13.38 -8.75
C CYS A 22 -8.74 13.74 -10.20
N ILE A 23 -7.46 13.71 -10.58
CA ILE A 23 -7.07 13.99 -11.96
C ILE A 23 -7.78 13.01 -12.90
N PHE A 24 -7.73 11.74 -12.52
CA PHE A 24 -8.29 10.65 -13.32
C PHE A 24 -9.81 10.83 -13.52
N ARG A 25 -10.53 11.15 -12.44
CA ARG A 25 -11.99 11.33 -12.52
C ARG A 25 -12.38 12.49 -13.41
N GLN A 26 -11.54 13.51 -13.46
CA GLN A 26 -11.90 14.78 -14.10
C GLN A 26 -11.34 14.86 -15.53
N MET A 27 -10.53 13.88 -15.91
CA MET A 27 -9.80 13.91 -17.19
C MET A 27 -10.79 14.00 -18.37
N PRO A 28 -10.58 14.96 -19.29
CA PRO A 28 -11.40 14.96 -20.52
C PRO A 28 -11.23 13.66 -21.30
N ALA A 29 -12.25 13.27 -22.06
CA ALA A 29 -12.26 12.02 -22.83
C ALA A 29 -11.04 11.81 -23.74
N THR A 30 -10.55 12.88 -24.35
CA THR A 30 -9.53 12.75 -25.40
C THR A 30 -8.12 12.95 -24.83
N GLN A 31 -8.02 13.25 -23.54
CA GLN A 31 -6.72 13.57 -22.96
C GLN A 31 -5.88 12.32 -22.67
N ARG A 32 -4.56 12.47 -22.73
CA ARG A 32 -3.64 11.49 -22.14
C ARG A 32 -2.77 12.15 -21.07
N VAL A 33 -2.69 11.54 -19.89
CA VAL A 33 -2.01 12.15 -18.75
C VAL A 33 -0.77 11.34 -18.41
N LEU A 34 0.33 12.02 -18.16
CA LEU A 34 1.46 11.42 -17.47
C LEU A 34 1.64 12.13 -16.14
N PHE A 35 1.63 11.36 -15.06
CA PHE A 35 1.85 11.88 -13.72
C PHE A 35 3.09 11.18 -13.15
N LEU A 36 4.07 11.98 -12.71
CA LEU A 36 5.33 11.46 -12.21
C LEU A 36 5.51 11.87 -10.73
N TRP A 37 5.83 10.90 -9.88
CA TRP A 37 5.70 11.08 -8.43
C TRP A 37 6.57 10.10 -7.67
N ARG A 38 6.91 10.47 -6.43
CA ARG A 38 7.65 9.61 -5.51
C ARG A 38 6.97 9.66 -4.14
N ASN A 39 7.18 8.62 -3.35
CA ASN A 39 6.70 8.58 -1.97
C ASN A 39 7.85 8.24 -1.03
N ALA A 40 7.96 8.97 0.06
CA ALA A 40 8.89 8.59 1.13
C ALA A 40 8.32 7.37 1.89
N ASP A 41 9.21 6.56 2.46
CA ASP A 41 8.84 5.43 3.34
C ASP A 41 7.35 5.07 3.37
N THR A 42 6.94 4.18 2.48
CA THR A 42 5.55 3.77 2.39
C THR A 42 5.52 2.32 1.94
N VAL A 43 4.51 1.58 2.38
CA VAL A 43 4.13 0.33 1.70
C VAL A 43 2.74 0.53 1.07
N VAL A 44 2.65 0.29 -0.24
CA VAL A 44 1.39 0.49 -0.94
C VAL A 44 0.82 -0.87 -1.27
N ILE A 45 -0.43 -1.10 -0.88
CA ILE A 45 -1.05 -2.38 -1.12
C ILE A 45 -2.18 -2.21 -2.11
N GLY A 46 -2.56 -3.30 -2.78
CA GLY A 46 -3.62 -3.25 -3.77
C GLY A 46 -4.98 -3.18 -3.10
N ARG A 47 -5.97 -2.81 -3.89
CA ARG A 47 -7.30 -2.48 -3.41
C ARG A 47 -7.90 -3.61 -2.57
N ALA A 48 -7.61 -4.85 -2.95
CA ALA A 48 -8.26 -6.02 -2.35
C ALA A 48 -7.33 -6.74 -1.36
N GLN A 49 -6.33 -6.05 -0.84
CA GLN A 49 -5.36 -6.74 0.01
C GLN A 49 -5.63 -6.62 1.51
N ASN A 50 -5.11 -7.59 2.25
CA ASN A 50 -5.10 -7.56 3.69
C ASN A 50 -3.71 -7.13 4.17
N PRO A 51 -3.60 -5.94 4.80
CA PRO A 51 -2.29 -5.40 5.13
C PRO A 51 -1.52 -6.26 6.12
N TRP A 52 -2.23 -6.79 7.11
CA TRP A 52 -1.60 -7.55 8.19
C TRP A 52 -0.99 -8.84 7.63
N LYS A 53 -1.58 -9.38 6.56
CA LYS A 53 -1.06 -10.57 5.88
C LYS A 53 0.06 -10.26 4.87
N GLU A 54 0.00 -9.08 4.26
CA GLU A 54 0.88 -8.75 3.13
C GLU A 54 2.15 -7.95 3.51
N CYS A 55 2.15 -7.32 4.68
CA CYS A 55 3.34 -6.54 5.08
C CYS A 55 3.50 -6.53 6.58
N ASN A 56 4.67 -6.10 7.04
CA ASN A 56 4.93 -6.08 8.46
C ASN A 56 4.40 -4.80 9.11
N THR A 57 3.10 -4.77 9.36
CA THR A 57 2.41 -3.57 9.81
C THR A 57 2.98 -3.11 11.16
N ARG A 58 3.48 -4.06 11.94
CA ARG A 58 4.09 -3.73 13.23
C ARG A 58 5.39 -2.95 13.05
N ARG A 59 6.31 -3.49 12.27
CA ARG A 59 7.56 -2.79 11.99
C ARG A 59 7.30 -1.43 11.34
N MET A 60 6.36 -1.39 10.40
CA MET A 60 6.03 -0.13 9.75
C MET A 60 5.62 0.93 10.78
N GLU A 61 4.74 0.54 11.69
CA GLU A 61 4.25 1.46 12.72
C GLU A 61 5.37 1.97 13.62
N GLU A 62 6.26 1.07 14.02
CA GLU A 62 7.44 1.45 14.80
C GLU A 62 8.32 2.44 14.06
N ASP A 63 8.49 2.24 12.75
CA ASP A 63 9.48 2.99 11.99
C ASP A 63 8.85 4.14 11.20
N ASN A 64 7.58 4.42 11.48
CA ASN A 64 6.82 5.47 10.79
C ASN A 64 6.87 5.28 9.26
N VAL A 65 6.70 4.03 8.83
CA VAL A 65 6.41 3.74 7.44
C VAL A 65 4.90 3.74 7.20
N ARG A 66 4.46 4.56 6.25
CA ARG A 66 3.04 4.77 5.97
C ARG A 66 2.43 3.62 5.17
N LEU A 67 1.24 3.15 5.56
CA LEU A 67 0.49 2.20 4.71
C LEU A 67 -0.42 3.03 3.82
N ALA A 68 -0.46 2.68 2.53
CA ALA A 68 -1.45 3.27 1.65
C ALA A 68 -2.08 2.18 0.82
N ARG A 69 -3.40 2.12 0.85
CA ARG A 69 -4.14 1.28 -0.07
C ARG A 69 -4.44 2.09 -1.32
N ARG A 70 -4.09 1.53 -2.48
CA ARG A 70 -4.40 2.16 -3.75
C ARG A 70 -5.70 1.59 -4.34
N SER A 71 -6.17 2.19 -5.42
CA SER A 71 -7.48 1.85 -5.98
C SER A 71 -7.32 0.80 -7.06
N SER A 72 -6.09 0.59 -7.52
CA SER A 72 -5.82 -0.46 -8.49
C SER A 72 -5.69 -1.84 -7.83
N GLY A 73 -5.58 -2.88 -8.65
CA GLY A 73 -5.32 -4.24 -8.16
C GLY A 73 -3.88 -4.54 -7.79
N GLY A 74 -3.58 -5.83 -7.60
CA GLY A 74 -2.20 -6.28 -7.42
C GLY A 74 -1.70 -6.25 -5.99
N GLY A 75 -0.39 -6.36 -5.85
CA GLY A 75 0.22 -6.69 -4.57
C GLY A 75 0.94 -5.54 -3.87
N ALA A 76 1.73 -5.90 -2.85
CA ALA A 76 2.27 -4.93 -1.90
C ALA A 76 3.70 -4.60 -2.29
N VAL A 77 4.00 -3.31 -2.40
CA VAL A 77 5.35 -2.85 -2.75
C VAL A 77 5.83 -1.80 -1.77
N PHE A 78 7.14 -1.65 -1.68
CA PHE A 78 7.73 -0.66 -0.77
C PHE A 78 8.32 0.50 -1.58
N HIS A 79 8.06 1.73 -1.12
CA HIS A 79 8.54 2.95 -1.77
C HIS A 79 9.40 3.67 -0.77
N ASP A 80 10.58 4.10 -1.22
CA ASP A 80 11.26 5.23 -0.62
C ASP A 80 11.70 6.16 -1.74
N LEU A 81 12.45 7.21 -1.41
CA LEU A 81 12.82 8.19 -2.43
C LEU A 81 13.67 7.56 -3.55
N GLY A 82 14.23 6.39 -3.31
CA GLY A 82 14.92 5.63 -4.37
C GLY A 82 14.01 4.93 -5.35
N ASN A 83 12.70 5.08 -5.14
CA ASN A 83 11.70 4.49 -6.02
C ASN A 83 10.98 5.63 -6.75
N THR A 84 10.75 5.45 -8.05
CA THR A 84 10.05 6.44 -8.86
C THR A 84 8.76 5.83 -9.38
N CYS A 85 7.65 6.58 -9.32
CA CYS A 85 6.35 6.12 -9.82
C CYS A 85 5.96 6.87 -11.08
N PHE A 86 5.19 6.21 -11.95
CA PHE A 86 4.57 6.89 -13.09
C PHE A 86 3.12 6.47 -13.09
N THR A 87 2.25 7.36 -13.56
CA THR A 87 0.90 6.99 -13.93
C THR A 87 0.61 7.50 -15.33
N PHE A 88 0.08 6.61 -16.18
CA PHE A 88 -0.43 6.97 -17.50
C PHE A 88 -1.94 6.76 -17.56
N MET A 89 -2.69 7.80 -17.92
CA MET A 89 -4.15 7.71 -17.99
C MET A 89 -4.57 7.98 -19.43
N ALA A 90 -5.68 7.37 -19.85
CA ALA A 90 -6.26 7.67 -21.16
C ALA A 90 -7.73 7.27 -21.14
N GLY A 91 -8.52 7.86 -22.04
CA GLY A 91 -9.89 7.45 -22.24
C GLY A 91 -9.99 6.15 -23.01
N LYS A 92 -11.12 5.46 -22.84
CA LYS A 92 -11.46 4.33 -23.71
C LYS A 92 -12.24 4.89 -24.89
N PRO A 93 -12.12 4.25 -26.06
CA PRO A 93 -11.57 2.92 -26.22
C PRO A 93 -10.07 2.89 -26.53
N GLU A 94 -9.42 4.06 -26.53
CA GLU A 94 -7.99 4.09 -26.83
C GLU A 94 -7.12 3.45 -25.74
N TYR A 95 -7.54 3.55 -24.48
CA TYR A 95 -6.70 3.13 -23.35
C TYR A 95 -6.16 1.71 -23.56
N ASP A 96 -4.86 1.54 -23.37
CA ASP A 96 -4.23 0.23 -23.52
C ASP A 96 -2.93 0.22 -22.75
N LYS A 97 -2.86 -0.58 -21.67
CA LYS A 97 -1.70 -0.55 -20.79
C LYS A 97 -0.42 -0.98 -21.49
N THR A 98 -0.54 -1.62 -22.65
CA THR A 98 0.63 -2.01 -23.42
C THR A 98 1.37 -0.78 -23.95
N ILE A 99 0.62 0.28 -24.24
CA ILE A 99 1.19 1.51 -24.79
C ILE A 99 2.12 2.20 -23.78
N SER A 100 1.64 2.34 -22.56
CA SER A 100 2.43 2.97 -21.52
C SER A 100 3.59 2.08 -21.07
N THR A 101 3.40 0.76 -21.10
CA THR A 101 4.55 -0.13 -20.85
C THR A 101 5.64 0.09 -21.89
N SER A 102 5.26 0.22 -23.15
CA SER A 102 6.27 0.36 -24.21
C SER A 102 6.96 1.72 -24.09
N ILE A 103 6.23 2.73 -23.58
CA ILE A 103 6.82 4.06 -23.37
C ILE A 103 7.90 4.03 -22.30
N VAL A 104 7.62 3.31 -21.21
CA VAL A 104 8.62 3.17 -20.15
C VAL A 104 9.84 2.37 -20.60
N LEU A 105 9.61 1.30 -21.35
CA LEU A 105 10.71 0.51 -21.93
C LEU A 105 11.58 1.34 -22.89
N ASN A 106 10.92 2.21 -23.65
CA ASN A 106 11.67 3.13 -24.52
C ASN A 106 12.50 4.15 -23.75
N ALA A 107 11.94 4.66 -22.67
CA ALA A 107 12.67 5.58 -21.80
C ALA A 107 13.88 4.87 -21.20
N LEU A 108 13.69 3.64 -20.74
CA LEU A 108 14.82 2.89 -20.17
C LEU A 108 15.89 2.64 -21.26
N ASN A 109 15.45 2.25 -22.44
CA ASN A 109 16.37 2.11 -23.56
C ASN A 109 17.17 3.40 -23.81
N ALA A 110 16.49 4.55 -23.80
CA ALA A 110 17.17 5.82 -24.02
C ALA A 110 18.23 6.12 -22.95
N LEU A 111 18.06 5.55 -21.76
CA LEU A 111 19.00 5.75 -20.67
C LEU A 111 20.14 4.73 -20.71
N GLY A 112 19.99 3.71 -21.56
CA GLY A 112 21.03 2.70 -21.72
C GLY A 112 20.71 1.43 -20.95
N VAL A 113 19.42 1.23 -20.65
CA VAL A 113 18.99 0.02 -19.97
C VAL A 113 18.05 -0.78 -20.86
N SER A 114 18.34 -2.08 -20.99
CA SER A 114 17.52 -2.95 -21.77
C SER A 114 16.63 -3.79 -20.83
N ALA A 115 15.34 -3.54 -20.86
CA ALA A 115 14.42 -4.23 -19.96
C ALA A 115 13.37 -4.87 -20.83
N GLU A 116 12.60 -5.78 -20.27
CA GLU A 116 11.42 -6.26 -20.98
C GLU A 116 10.31 -6.67 -20.03
N ALA A 117 9.09 -6.69 -20.56
CA ALA A 117 7.92 -7.01 -19.75
C ALA A 117 8.01 -8.48 -19.38
N SER A 118 7.57 -8.81 -18.17
CA SER A 118 7.61 -10.19 -17.71
C SER A 118 6.33 -10.49 -16.97
N GLY A 119 5.60 -11.51 -17.44
CA GLY A 119 4.31 -11.87 -16.84
C GLY A 119 3.29 -10.81 -17.17
N ARG A 120 2.42 -10.51 -16.22
CA ARG A 120 1.38 -9.51 -16.47
C ARG A 120 1.79 -8.08 -16.11
N ASN A 121 2.67 -7.92 -15.13
CA ASN A 121 2.88 -6.60 -14.58
C ASN A 121 4.32 -6.16 -14.30
N ASP A 122 5.31 -6.98 -14.64
CA ASP A 122 6.69 -6.67 -14.24
C ASP A 122 7.49 -6.10 -15.42
N LEU A 123 8.51 -5.30 -15.13
CA LEU A 123 9.65 -5.14 -16.05
C LEU A 123 10.86 -5.73 -15.39
N VAL A 124 11.64 -6.51 -16.16
CA VAL A 124 12.82 -7.17 -15.64
C VAL A 124 14.05 -6.86 -16.48
N VAL A 125 15.20 -6.79 -15.82
CA VAL A 125 16.48 -6.65 -16.49
C VAL A 125 17.30 -7.92 -16.30
N LYS A 126 18.24 -8.15 -17.22
CA LYS A 126 19.19 -9.24 -17.07
C LYS A 126 20.37 -8.82 -16.23
N THR A 127 20.84 -9.76 -15.39
CA THR A 127 22.00 -9.52 -14.54
C THR A 127 22.80 -10.83 -14.48
N VAL A 128 24.02 -10.74 -13.97
CA VAL A 128 24.85 -11.94 -13.81
C VAL A 128 24.21 -13.05 -12.96
N GLU A 129 23.19 -12.69 -12.18
CA GLU A 129 22.52 -13.65 -11.29
C GLU A 129 21.17 -14.12 -11.82
N GLY A 130 20.78 -13.67 -13.00
CA GLY A 130 19.45 -13.99 -13.52
C GLY A 130 18.57 -12.75 -13.58
N ASP A 131 17.37 -12.91 -14.15
CA ASP A 131 16.48 -11.79 -14.38
C ASP A 131 16.02 -11.18 -13.05
N ARG A 132 15.98 -9.87 -12.99
CA ARG A 132 15.55 -9.19 -11.76
C ARG A 132 14.45 -8.18 -12.05
N LYS A 133 13.46 -8.11 -11.17
CA LYS A 133 12.36 -7.15 -11.29
C LYS A 133 12.81 -5.75 -10.87
N VAL A 134 12.66 -4.78 -11.77
CA VAL A 134 12.96 -3.38 -11.47
C VAL A 134 11.67 -2.52 -11.42
N SER A 135 10.54 -3.12 -11.78
CA SER A 135 9.28 -2.39 -11.88
C SER A 135 8.11 -3.32 -11.61
N GLY A 136 7.13 -2.84 -10.85
CA GLY A 136 5.83 -3.51 -10.75
C GLY A 136 4.72 -2.55 -11.17
N SER A 137 3.69 -3.07 -11.84
CA SER A 137 2.59 -2.21 -12.33
C SER A 137 1.24 -2.68 -11.77
N ALA A 138 0.27 -1.79 -11.78
CA ALA A 138 -1.12 -2.17 -11.52
C ALA A 138 -2.01 -1.21 -12.29
N TYR A 139 -3.29 -1.58 -12.43
CA TYR A 139 -4.16 -0.93 -13.43
C TYR A 139 -5.52 -0.68 -12.81
N ARG A 140 -6.21 0.35 -13.27
CA ARG A 140 -7.63 0.52 -12.94
C ARG A 140 -8.38 1.03 -14.15
N GLU A 141 -9.58 0.50 -14.34
CA GLU A 141 -10.42 0.84 -15.49
C GLU A 141 -11.84 1.15 -15.02
N THR A 142 -12.49 2.09 -15.70
CA THR A 142 -13.93 2.27 -15.56
C THR A 142 -14.57 2.00 -16.91
N LYS A 143 -15.84 2.34 -17.07
CA LYS A 143 -16.50 2.15 -18.38
C LYS A 143 -15.84 3.01 -19.47
N ASP A 144 -15.27 4.15 -19.10
CA ASP A 144 -14.84 5.12 -20.11
C ASP A 144 -13.38 5.60 -20.02
N ARG A 145 -12.58 5.00 -19.15
CA ARG A 145 -11.18 5.41 -19.01
C ARG A 145 -10.38 4.37 -18.26
N GLY A 146 -9.06 4.44 -18.36
CA GLY A 146 -8.18 3.58 -17.60
C GLY A 146 -6.92 4.31 -17.17
N PHE A 147 -6.24 3.76 -16.18
CA PHE A 147 -4.88 4.14 -15.92
C PHE A 147 -3.98 2.96 -15.61
N HIS A 148 -2.71 3.13 -15.96
CA HIS A 148 -1.67 2.16 -15.66
C HIS A 148 -0.63 2.90 -14.82
N HIS A 149 -0.42 2.48 -13.58
CA HIS A 149 0.68 3.04 -12.80
C HIS A 149 1.67 1.98 -12.36
N GLY A 150 2.93 2.38 -12.20
CA GLY A 150 3.99 1.43 -11.89
C GLY A 150 5.17 2.11 -11.23
N THR A 151 6.15 1.31 -10.82
CA THR A 151 7.33 1.78 -10.14
C THR A 151 8.56 1.56 -10.99
N LEU A 152 9.64 2.24 -10.59
CA LEU A 152 10.98 1.89 -11.03
C LEU A 152 11.87 1.99 -9.81
N LEU A 153 12.62 0.90 -9.56
CA LEU A 153 13.60 0.88 -8.47
C LEU A 153 14.93 1.45 -8.97
N LEU A 154 15.24 2.68 -8.57
CA LEU A 154 16.49 3.34 -8.97
C LEU A 154 17.57 3.09 -7.92
N ASN A 155 17.28 3.47 -6.67
CA ASN A 155 18.24 3.33 -5.58
C ASN A 155 17.53 3.09 -4.26
N ALA A 156 16.51 2.25 -4.29
CA ALA A 156 15.71 1.96 -3.10
C ALA A 156 16.56 1.16 -2.11
N ASP A 157 16.25 1.32 -0.83
CA ASP A 157 16.92 0.51 0.19
C ASP A 157 16.28 -0.87 0.19
N LEU A 158 16.98 -1.84 -0.41
CA LEU A 158 16.38 -3.15 -0.65
C LEU A 158 16.32 -3.99 0.60
N SER A 159 17.18 -3.69 1.56
CA SER A 159 17.10 -4.29 2.89
C SER A 159 15.84 -3.83 3.67
N ARG A 160 15.45 -2.57 3.51
CA ARG A 160 14.17 -2.08 4.07
C ARG A 160 12.95 -2.63 3.35
N LEU A 161 13.06 -2.71 2.02
CA LEU A 161 12.02 -3.27 1.18
C LEU A 161 11.68 -4.68 1.68
N ALA A 162 12.70 -5.51 1.90
CA ALA A 162 12.48 -6.87 2.40
C ALA A 162 11.86 -6.85 3.79
N ASN A 163 12.41 -6.01 4.66
CA ASN A 163 11.96 -5.88 6.06
C ASN A 163 10.45 -5.59 6.20
N TYR A 164 9.96 -4.61 5.46
CA TYR A 164 8.56 -4.19 5.62
C TYR A 164 7.60 -5.06 4.84
N LEU A 165 8.14 -5.86 3.91
CA LEU A 165 7.29 -6.77 3.14
C LEU A 165 7.39 -8.23 3.63
N ASN A 166 8.02 -8.43 4.79
CA ASN A 166 8.09 -9.75 5.43
C ASN A 166 7.27 -9.76 6.72
N PRO A 167 5.98 -10.13 6.63
CA PRO A 167 5.05 -9.97 7.75
C PRO A 167 5.39 -10.91 8.90
N ASP A 168 4.96 -10.59 10.12
CA ASP A 168 5.04 -11.54 11.23
C ASP A 168 4.16 -12.74 10.91
N LYS A 169 4.59 -13.89 11.42
CA LYS A 169 3.83 -15.12 11.29
C LYS A 169 2.53 -15.02 12.12
N LYS A 170 1.39 -15.13 11.45
CA LYS A 170 0.08 -14.99 12.10
C LYS A 170 -0.89 -15.99 11.51
N LYS A 171 -1.80 -16.50 12.34
CA LYS A 171 -2.82 -17.40 11.85
C LYS A 171 -4.03 -16.64 11.32
N LEU A 172 -3.87 -16.13 10.11
CA LEU A 172 -4.92 -15.36 9.46
C LEU A 172 -5.50 -16.16 8.33
N ALA A 173 -6.81 -16.33 8.32
CA ALA A 173 -7.46 -16.93 7.16
C ALA A 173 -8.21 -15.84 6.39
N ALA A 174 -7.59 -15.34 5.32
CA ALA A 174 -7.95 -14.03 4.78
C ALA A 174 -8.41 -14.16 3.34
N LYS A 175 -9.55 -13.58 3.02
CA LYS A 175 -9.90 -13.30 1.64
C LYS A 175 -9.00 -12.16 1.10
N GLY A 176 -8.79 -12.16 -0.21
CA GLY A 176 -8.13 -11.04 -0.87
C GLY A 176 -6.97 -11.49 -1.75
N ILE A 177 -6.32 -10.52 -2.37
CA ILE A 177 -5.28 -10.80 -3.34
C ILE A 177 -3.95 -10.87 -2.61
N THR A 178 -3.15 -11.90 -2.89
CA THR A 178 -1.87 -12.05 -2.21
C THR A 178 -0.77 -11.55 -3.14
N SER A 179 0.30 -11.01 -2.56
CA SER A 179 1.40 -10.47 -3.34
C SER A 179 2.18 -11.59 -4.03
N VAL A 180 2.76 -11.28 -5.19
CA VAL A 180 3.66 -12.23 -5.88
C VAL A 180 5.09 -11.78 -5.68
N ARG A 181 5.86 -12.52 -4.88
CA ARG A 181 7.23 -12.12 -4.58
C ARG A 181 8.17 -12.41 -5.77
N SER A 182 9.14 -11.54 -5.99
CA SER A 182 10.18 -11.73 -7.02
C SER A 182 11.50 -11.32 -6.41
N ARG A 183 12.59 -11.64 -7.08
CA ARG A 183 13.86 -11.02 -6.74
C ARG A 183 14.01 -9.71 -7.52
N VAL A 184 14.44 -8.66 -6.82
CA VAL A 184 14.45 -7.31 -7.39
C VAL A 184 15.89 -6.81 -7.50
N THR A 185 16.09 -5.74 -8.26
CA THR A 185 17.35 -4.99 -8.19
C THR A 185 17.11 -3.53 -8.47
N ASN A 186 18.09 -2.70 -8.12
CA ASN A 186 18.07 -1.28 -8.43
C ASN A 186 18.70 -0.99 -9.78
N LEU A 187 18.17 0.00 -10.50
CA LEU A 187 18.76 0.41 -11.77
C LEU A 187 20.14 0.97 -11.60
N THR A 188 20.39 1.59 -10.46
CA THR A 188 21.72 2.07 -10.13
C THR A 188 22.83 1.00 -10.19
N GLU A 189 22.45 -0.27 -10.17
CA GLU A 189 23.42 -1.36 -10.37
C GLU A 189 23.83 -1.46 -11.84
N LEU A 190 22.96 -1.00 -12.73
CA LEU A 190 23.24 -1.01 -14.16
C LEU A 190 23.77 0.34 -14.63
N LEU A 191 23.29 1.41 -14.00
CA LEU A 191 23.70 2.77 -14.33
C LEU A 191 23.96 3.52 -13.02
N PRO A 192 25.23 3.58 -12.59
CA PRO A 192 25.50 4.10 -11.26
C PRO A 192 25.12 5.57 -11.10
N GLY A 193 25.22 6.35 -12.17
CA GLY A 193 24.72 7.73 -12.12
C GLY A 193 23.23 7.95 -11.76
N ILE A 194 22.39 6.98 -12.09
CA ILE A 194 20.98 7.25 -12.43
C ILE A 194 20.18 7.99 -11.33
N THR A 195 19.41 9.00 -11.73
CA THR A 195 18.66 9.79 -10.76
C THR A 195 17.16 9.78 -11.11
N HIS A 196 16.35 10.16 -10.14
CA HIS A 196 14.93 10.39 -10.33
C HIS A 196 14.63 11.40 -11.45
N GLU A 197 15.30 12.56 -11.42
CA GLU A 197 15.09 13.57 -12.47
C GLU A 197 15.41 13.02 -13.85
N GLN A 198 16.50 12.29 -13.98
CA GLN A 198 16.87 11.71 -15.27
C GLN A 198 15.79 10.76 -15.75
N VAL A 199 15.27 9.94 -14.84
CA VAL A 199 14.26 8.97 -15.24
C VAL A 199 12.96 9.68 -15.62
N CYS A 200 12.57 10.69 -14.85
CA CYS A 200 11.39 11.49 -15.19
C CYS A 200 11.51 12.15 -16.58
N GLU A 201 12.69 12.67 -16.88
CA GLU A 201 12.91 13.29 -18.17
C GLU A 201 12.81 12.28 -19.30
N ALA A 202 13.48 11.14 -19.13
CA ALA A 202 13.43 10.09 -20.15
C ALA A 202 12.00 9.61 -20.40
N ILE A 203 11.24 9.40 -19.32
CA ILE A 203 9.86 8.93 -19.49
C ILE A 203 9.02 10.02 -20.18
N THR A 204 9.24 11.27 -19.78
CA THR A 204 8.58 12.42 -20.39
C THR A 204 8.89 12.47 -21.91
N GLU A 205 10.16 12.40 -22.26
CA GLU A 205 10.55 12.45 -23.67
C GLU A 205 9.94 11.31 -24.49
N ALA A 206 9.83 10.11 -23.91
CA ALA A 206 9.26 8.98 -24.63
C ALA A 206 7.74 9.05 -24.74
N PHE A 207 7.10 9.67 -23.75
CA PHE A 207 5.65 9.97 -23.78
C PHE A 207 5.36 10.97 -24.91
N PHE A 208 6.13 12.05 -24.93
CA PHE A 208 6.01 13.07 -26.01
C PHE A 208 6.30 12.47 -27.40
N ALA A 209 7.34 11.64 -27.49
CA ALA A 209 7.67 11.00 -28.77
C ALA A 209 6.54 10.10 -29.25
N HIS A 210 5.96 9.33 -28.34
CA HIS A 210 4.92 8.38 -28.74
C HIS A 210 3.70 9.10 -29.31
N TYR A 211 3.29 10.16 -28.64
CA TYR A 211 2.06 10.87 -29.02
C TYR A 211 2.29 11.99 -30.04
N GLY A 212 3.54 12.40 -30.25
CA GLY A 212 3.85 13.39 -31.27
C GLY A 212 3.50 14.83 -30.90
N GLU A 213 3.46 15.11 -29.59
CA GLU A 213 3.16 16.45 -29.07
C GLU A 213 4.04 16.68 -27.87
N ARG A 214 4.19 17.94 -27.48
CA ARG A 214 4.79 18.32 -26.21
C ARG A 214 3.87 19.30 -25.51
N VAL A 215 3.87 19.26 -24.17
CA VAL A 215 3.19 20.27 -23.35
C VAL A 215 4.08 20.66 -22.18
N GLU A 216 3.80 21.82 -21.60
CA GLU A 216 4.58 22.30 -20.45
C GLU A 216 4.15 21.51 -19.20
N ALA A 217 5.12 21.10 -18.38
CA ALA A 217 4.83 20.36 -17.16
C ALA A 217 4.09 21.25 -16.17
N GLU A 218 3.17 20.68 -15.39
CA GLU A 218 2.58 21.39 -14.26
C GLU A 218 3.02 20.75 -12.95
N ILE A 219 3.52 21.56 -12.02
CA ILE A 219 3.98 21.09 -10.73
C ILE A 219 2.83 21.11 -9.74
N ILE A 220 2.64 19.99 -9.03
CA ILE A 220 1.64 19.94 -7.98
C ILE A 220 2.34 19.82 -6.63
N SER A 221 2.03 20.77 -5.74
CA SER A 221 2.77 20.91 -4.49
C SER A 221 1.81 20.79 -3.31
N PRO A 222 2.26 20.17 -2.21
CA PRO A 222 1.43 20.10 -1.01
C PRO A 222 1.36 21.47 -0.29
N ASN A 223 2.11 22.45 -0.79
CA ASN A 223 2.05 23.80 -0.23
C ASN A 223 0.80 24.56 -0.65
N LYS A 224 0.13 24.06 -1.68
CA LYS A 224 -1.13 24.64 -2.10
C LYS A 224 -2.08 23.50 -2.40
N THR A 225 -3.10 23.33 -1.56
CA THR A 225 -4.16 22.35 -1.82
C THR A 225 -4.65 22.43 -3.26
N PRO A 226 -4.49 21.34 -4.03
CA PRO A 226 -4.89 21.28 -5.42
C PRO A 226 -6.37 21.61 -5.60
N ASP A 227 -6.67 22.47 -6.58
CA ASP A 227 -8.04 22.89 -6.83
C ASP A 227 -8.70 21.86 -7.74
N LEU A 228 -8.77 20.64 -7.26
CA LEU A 228 -9.39 19.57 -8.01
C LEU A 228 -10.68 19.27 -7.29
N PRO A 229 -11.73 18.95 -8.04
CA PRO A 229 -13.00 18.65 -7.43
C PRO A 229 -12.84 17.52 -6.40
N ASN A 230 -13.44 17.71 -5.23
CA ASN A 230 -13.47 16.69 -4.17
C ASN A 230 -12.11 16.31 -3.60
N PHE A 231 -11.10 17.16 -3.77
CA PHE A 231 -9.79 16.82 -3.28
C PHE A 231 -9.76 16.59 -1.77
N ALA A 232 -10.34 17.51 -1.00
CA ALA A 232 -10.25 17.44 0.48
C ALA A 232 -10.83 16.13 1.00
N GLU A 233 -11.98 15.75 0.46
CA GLU A 233 -12.67 14.52 0.85
C GLU A 233 -11.93 13.28 0.37
N THR A 234 -11.39 13.32 -0.84
CA THR A 234 -10.60 12.21 -1.35
C THR A 234 -9.33 12.01 -0.51
N PHE A 235 -8.61 13.11 -0.26
CA PHE A 235 -7.42 13.05 0.58
C PHE A 235 -7.73 12.51 1.98
N ALA A 236 -8.77 13.03 2.63
CA ALA A 236 -9.14 12.58 3.97
C ALA A 236 -9.43 11.07 3.96
N ARG A 237 -10.16 10.61 2.97
CA ARG A 237 -10.47 9.18 2.86
C ARG A 237 -9.21 8.34 2.64
N GLN A 238 -8.35 8.79 1.72
CA GLN A 238 -7.12 8.09 1.40
C GLN A 238 -6.22 7.97 2.63
N SER A 239 -6.26 8.97 3.49
CA SER A 239 -5.45 9.03 4.70
C SER A 239 -6.02 8.18 5.85
N SER A 240 -7.28 7.76 5.75
CA SER A 240 -7.99 7.23 6.91
C SER A 240 -7.66 5.76 7.19
N TRP A 241 -7.65 5.39 8.47
CA TRP A 241 -7.53 3.98 8.86
C TRP A 241 -8.60 3.14 8.17
N GLU A 242 -9.82 3.66 8.11
CA GLU A 242 -10.94 2.93 7.55
C GLU A 242 -10.68 2.49 6.10
N TRP A 243 -9.99 3.35 5.33
CA TRP A 243 -9.64 3.01 3.95
C TRP A 243 -8.41 2.09 3.89
N ASN A 244 -7.29 2.54 4.45
CA ASN A 244 -6.04 1.80 4.31
C ASN A 244 -6.06 0.42 4.95
N PHE A 245 -6.65 0.33 6.15
CA PHE A 245 -6.73 -0.95 6.89
C PHE A 245 -8.11 -1.59 6.82
N GLY A 246 -9.14 -0.78 7.05
CA GLY A 246 -10.51 -1.28 7.26
C GLY A 246 -11.14 -1.91 6.02
N GLN A 247 -10.67 -1.52 4.84
CA GLN A 247 -11.19 -2.04 3.58
C GLN A 247 -10.73 -3.47 3.26
N ALA A 248 -9.82 -4.00 4.05
CA ALA A 248 -9.42 -5.40 3.90
C ALA A 248 -10.67 -6.29 3.75
N PRO A 249 -10.64 -7.24 2.80
CA PRO A 249 -11.70 -8.24 2.71
C PRO A 249 -11.86 -9.04 4.01
N ALA A 250 -13.03 -9.65 4.20
CA ALA A 250 -13.32 -10.41 5.43
C ALA A 250 -12.20 -11.41 5.72
N PHE A 251 -11.86 -11.56 6.99
CA PHE A 251 -10.83 -12.51 7.40
C PHE A 251 -11.07 -12.93 8.84
N SER A 252 -10.36 -13.97 9.26
CA SER A 252 -10.36 -14.42 10.66
C SER A 252 -8.93 -14.42 11.16
N HIS A 253 -8.77 -14.21 12.46
CA HIS A 253 -7.48 -14.25 13.11
C HIS A 253 -7.62 -15.14 14.34
N LEU A 254 -6.78 -16.16 14.44
CA LEU A 254 -6.67 -17.00 15.64
C LEU A 254 -5.42 -16.61 16.43
N LEU A 255 -5.63 -15.95 17.55
CA LEU A 255 -4.54 -15.42 18.37
C LEU A 255 -4.42 -16.32 19.58
N ASP A 256 -3.20 -16.50 20.08
CA ASP A 256 -3.02 -17.32 21.27
C ASP A 256 -1.77 -16.91 22.02
N GLU A 257 -1.79 -17.08 23.34
CA GLU A 257 -0.63 -16.72 24.17
C GLU A 257 -0.71 -17.48 25.48
N ARG A 258 0.43 -17.98 25.92
CA ARG A 258 0.57 -18.54 27.27
C ARG A 258 1.11 -17.49 28.23
N PHE A 259 0.36 -17.22 29.30
CA PHE A 259 0.80 -16.31 30.35
C PHE A 259 1.11 -17.15 31.59
N THR A 260 1.83 -16.58 32.56
CA THR A 260 2.04 -17.25 33.83
C THR A 260 0.69 -17.67 34.47
N TRP A 261 -0.35 -16.86 34.25
CA TRP A 261 -1.67 -17.09 34.87
C TRP A 261 -2.60 -17.91 33.98
N GLY A 262 -2.08 -18.38 32.86
CA GLY A 262 -2.80 -19.36 32.05
C GLY A 262 -2.73 -19.08 30.56
N GLY A 263 -3.30 -19.97 29.77
CA GLY A 263 -3.40 -19.79 28.32
C GLY A 263 -4.66 -19.06 27.91
N VAL A 264 -4.56 -18.27 26.84
CA VAL A 264 -5.72 -17.62 26.24
C VAL A 264 -5.65 -17.87 24.74
N GLU A 265 -6.79 -18.20 24.15
CA GLU A 265 -6.91 -18.28 22.71
C GLU A 265 -8.11 -17.45 22.30
N LEU A 266 -7.95 -16.61 21.29
CA LEU A 266 -9.05 -15.78 20.79
C LEU A 266 -9.26 -16.01 19.30
N HIS A 267 -10.52 -16.14 18.91
CA HIS A 267 -10.87 -16.26 17.49
C HIS A 267 -11.63 -15.01 17.16
N PHE A 268 -11.08 -14.16 16.29
CA PHE A 268 -11.79 -12.98 15.79
C PHE A 268 -12.18 -13.28 14.35
N ASP A 269 -13.45 -13.02 14.02
CA ASP A 269 -13.86 -12.75 12.64
C ASP A 269 -13.93 -11.25 12.45
N VAL A 270 -13.40 -10.76 11.33
CA VAL A 270 -13.29 -9.33 11.07
C VAL A 270 -13.95 -9.02 9.72
N GLU A 271 -14.80 -8.00 9.69
CA GLU A 271 -15.34 -7.51 8.42
C GLU A 271 -15.34 -6.00 8.44
N LYS A 272 -14.79 -5.39 7.39
CA LYS A 272 -14.72 -3.92 7.32
C LYS A 272 -13.95 -3.34 8.52
N GLY A 273 -12.96 -4.09 8.98
CA GLY A 273 -12.09 -3.63 10.05
C GLY A 273 -12.70 -3.69 11.45
N HIS A 274 -13.92 -4.24 11.55
CA HIS A 274 -14.55 -4.50 12.86
C HIS A 274 -14.62 -5.99 13.18
N ILE A 275 -14.44 -6.30 14.45
CA ILE A 275 -14.63 -7.66 14.93
C ILE A 275 -16.13 -7.99 14.97
N THR A 276 -16.58 -8.88 14.09
CA THR A 276 -18.01 -9.23 14.04
C THR A 276 -18.30 -10.43 14.96
N ARG A 277 -17.27 -11.19 15.29
CA ARG A 277 -17.43 -12.24 16.32
C ARG A 277 -16.12 -12.45 17.04
N ALA A 278 -16.19 -12.50 18.37
CA ALA A 278 -15.03 -12.88 19.17
C ALA A 278 -15.36 -14.04 20.10
N GLN A 279 -14.48 -15.03 20.12
CA GLN A 279 -14.60 -16.17 21.03
C GLN A 279 -13.31 -16.26 21.81
N VAL A 280 -13.44 -16.52 23.11
CA VAL A 280 -12.30 -16.68 24.00
C VAL A 280 -12.30 -18.08 24.61
N PHE A 281 -11.11 -18.70 24.64
CA PHE A 281 -10.92 -19.98 25.33
C PHE A 281 -9.73 -19.78 26.24
N THR A 282 -9.85 -20.24 27.48
CA THR A 282 -8.82 -19.98 28.48
C THR A 282 -8.81 -21.07 29.54
N ASP A 283 -7.63 -21.32 30.12
CA ASP A 283 -7.56 -22.10 31.36
C ASP A 283 -7.07 -21.26 32.55
N SER A 284 -7.23 -19.94 32.43
CA SER A 284 -7.00 -19.06 33.57
C SER A 284 -7.85 -19.54 34.74
N LEU A 285 -7.32 -19.41 35.95
CA LEU A 285 -8.09 -19.76 37.16
C LEU A 285 -9.20 -18.76 37.45
N ASN A 286 -9.16 -17.60 36.78
CA ASN A 286 -10.22 -16.60 36.96
C ASN A 286 -10.78 -16.13 35.63
N PRO A 287 -11.59 -16.97 34.98
CA PRO A 287 -11.93 -16.72 33.58
C PRO A 287 -13.04 -15.67 33.40
N ALA A 288 -13.70 -15.26 34.48
CA ALA A 288 -14.84 -14.35 34.34
C ALA A 288 -14.57 -13.09 33.50
N PRO A 289 -13.46 -12.37 33.77
CA PRO A 289 -13.26 -11.13 32.98
C PRO A 289 -12.99 -11.41 31.50
N LEU A 290 -12.35 -12.54 31.23
CA LEU A 290 -12.12 -12.97 29.85
C LEU A 290 -13.42 -13.33 29.15
N GLU A 291 -14.34 -13.97 29.86
CA GLU A 291 -15.68 -14.22 29.31
C GLU A 291 -16.44 -12.93 29.06
N ALA A 292 -16.32 -11.96 29.98
CA ALA A 292 -16.97 -10.67 29.78
C ALA A 292 -16.40 -9.97 28.53
N LEU A 293 -15.09 -10.06 28.36
CA LEU A 293 -14.37 -9.44 27.25
C LEU A 293 -14.87 -9.96 25.90
N ALA A 294 -15.12 -11.25 25.83
CA ALA A 294 -15.53 -11.89 24.58
C ALA A 294 -16.81 -11.28 24.02
N GLY A 295 -17.78 -11.03 24.90
CA GLY A 295 -19.05 -10.39 24.49
C GLY A 295 -18.88 -8.92 24.13
N ARG A 296 -18.03 -8.24 24.88
CA ARG A 296 -17.85 -6.81 24.69
C ARG A 296 -17.08 -6.47 23.41
N LEU A 297 -16.34 -7.45 22.87
CA LEU A 297 -15.49 -7.20 21.71
C LEU A 297 -16.28 -7.14 20.42
N GLN A 298 -17.52 -7.59 20.45
CA GLN A 298 -18.28 -7.62 19.22
C GLN A 298 -18.49 -6.19 18.76
N GLY A 299 -18.14 -5.90 17.51
CA GLY A 299 -18.27 -4.54 16.98
C GLY A 299 -17.04 -3.66 17.21
N CYS A 300 -16.07 -4.15 17.98
CA CYS A 300 -14.89 -3.35 18.29
C CYS A 300 -13.98 -3.26 17.05
N LEU A 301 -13.33 -2.10 16.87
CA LEU A 301 -12.34 -1.97 15.81
C LEU A 301 -11.22 -2.98 16.03
N TYR A 302 -10.77 -3.57 14.92
CA TYR A 302 -9.59 -4.44 14.98
C TYR A 302 -8.31 -3.59 15.00
N ARG A 303 -8.05 -2.96 16.14
CA ARG A 303 -6.96 -1.98 16.23
C ARG A 303 -6.49 -1.84 17.67
N ALA A 304 -5.18 -1.76 17.86
CA ALA A 304 -4.59 -1.87 19.19
C ALA A 304 -5.24 -0.90 20.17
N ASP A 305 -5.49 0.34 19.76
CA ASP A 305 -5.97 1.36 20.72
C ASP A 305 -7.31 0.98 21.32
N MET A 306 -8.19 0.45 20.49
CA MET A 306 -9.55 0.13 20.90
C MET A 306 -9.57 -1.21 21.64
N LEU A 307 -8.74 -2.15 21.24
CA LEU A 307 -8.63 -3.43 21.95
C LEU A 307 -8.08 -3.24 23.36
N GLN A 308 -7.07 -2.39 23.50
CA GLN A 308 -6.54 -2.12 24.83
C GLN A 308 -7.55 -1.37 25.71
N GLN A 309 -8.31 -0.47 25.08
CA GLN A 309 -9.40 0.18 25.82
C GLN A 309 -10.41 -0.81 26.40
N GLU A 310 -10.77 -1.83 25.63
CA GLU A 310 -11.75 -2.84 26.09
C GLU A 310 -11.16 -3.69 27.22
N CYS A 311 -9.89 -4.08 27.08
CA CYS A 311 -9.22 -4.85 28.13
C CYS A 311 -9.17 -4.07 29.42
N GLU A 312 -8.77 -2.80 29.33
CA GLU A 312 -8.59 -1.98 30.50
C GLU A 312 -9.90 -1.49 31.13
N ALA A 313 -10.97 -1.44 30.34
CA ALA A 313 -12.29 -1.04 30.86
C ALA A 313 -12.82 -2.05 31.88
N LEU A 314 -12.31 -3.29 31.79
CA LEU A 314 -12.69 -4.38 32.71
C LEU A 314 -12.12 -4.24 34.13
N LEU A 315 -11.19 -3.33 34.32
CA LEU A 315 -10.60 -3.10 35.65
C LEU A 315 -11.62 -2.59 36.68
N VAL A 316 -12.66 -1.89 36.23
CA VAL A 316 -13.69 -1.42 37.17
C VAL A 316 -14.41 -2.58 37.87
N ASP A 317 -14.92 -3.52 37.07
CA ASP A 317 -15.67 -4.61 37.64
C ASP A 317 -14.85 -5.85 37.96
N PHE A 318 -13.59 -5.90 37.49
CA PHE A 318 -12.73 -7.05 37.78
C PHE A 318 -11.38 -6.62 38.35
N PRO A 319 -11.38 -5.79 39.41
CA PRO A 319 -10.14 -5.19 39.88
C PRO A 319 -9.14 -6.22 40.42
N GLU A 320 -9.61 -7.40 40.82
CA GLU A 320 -8.69 -8.43 41.32
C GLU A 320 -7.85 -9.04 40.21
N GLN A 321 -8.28 -8.86 38.96
CA GLN A 321 -7.53 -9.42 37.81
C GLN A 321 -6.81 -8.31 37.04
N GLU A 322 -6.41 -7.26 37.74
CA GLU A 322 -5.66 -6.19 37.11
C GLU A 322 -4.36 -6.65 36.44
N LYS A 323 -3.60 -7.52 37.12
CA LYS A 323 -2.32 -7.99 36.55
C LYS A 323 -2.55 -8.73 35.24
N GLU A 324 -3.53 -9.63 35.26
CA GLU A 324 -3.88 -10.45 34.09
C GLU A 324 -4.38 -9.59 32.93
N LEU A 325 -5.27 -8.67 33.24
CA LEU A 325 -5.85 -7.80 32.22
C LEU A 325 -4.82 -6.88 31.56
N ARG A 326 -3.88 -6.37 32.35
CA ARG A 326 -2.84 -5.51 31.77
C ARG A 326 -1.85 -6.31 30.91
N GLU A 327 -1.53 -7.54 31.31
CA GLU A 327 -0.71 -8.41 30.46
C GLU A 327 -1.46 -8.76 29.18
N LEU A 328 -2.72 -9.17 29.32
CA LEU A 328 -3.55 -9.48 28.15
C LEU A 328 -3.59 -8.29 27.19
N SER A 329 -3.82 -7.10 27.76
CA SER A 329 -3.96 -5.90 26.95
C SER A 329 -2.69 -5.62 26.12
N ALA A 330 -1.53 -5.67 26.77
CA ALA A 330 -0.26 -5.41 26.10
C ALA A 330 0.05 -6.46 25.04
N TRP A 331 -0.24 -7.73 25.35
CA TRP A 331 -0.05 -8.79 24.38
C TRP A 331 -0.95 -8.60 23.17
N MET A 332 -2.23 -8.34 23.41
CA MET A 332 -3.22 -8.30 22.35
C MET A 332 -2.90 -7.15 21.39
N ALA A 333 -2.50 -6.01 21.95
CA ALA A 333 -2.11 -4.89 21.09
C ALA A 333 -0.99 -5.35 20.12
N GLY A 334 0.04 -5.97 20.66
CA GLY A 334 1.18 -6.38 19.86
C GLY A 334 0.78 -7.43 18.84
N ALA A 335 -0.21 -8.24 19.20
CA ALA A 335 -0.65 -9.34 18.33
C ALA A 335 -1.43 -8.87 17.10
N VAL A 336 -2.09 -7.72 17.19
CA VAL A 336 -2.90 -7.25 16.06
C VAL A 336 -2.20 -6.12 15.27
N ARG A 337 -1.11 -5.59 15.82
CA ARG A 337 -0.37 -4.53 15.16
C ARG A 337 0.27 -5.05 13.86
#